data_2AJX
#
_entry.id   2AJX
#
_cell.length_a   47.740
_cell.length_b   73.712
_cell.length_c   73.439
_cell.angle_alpha   90.00
_cell.angle_beta   98.72
_cell.angle_gamma   90.00
#
_symmetry.space_group_name_H-M   'P 1 21 1'
#
loop_
_entity.id
_entity.type
_entity.pdbx_description
1 polymer "Antibody 7A1 Fab'"
2 polymer "Antibody 7A1 Fab'"
3 non-polymer '3-(HYDROXY-PHENYL-PHOSPHINOYLOXY)-8-METHYL-8-AZA-BICYCLO[3.2.1]OCTANE-2-CARBOXYLIC ACID METHYL ESTER'
4 water water
#
loop_
_entity_poly.entity_id
_entity_poly.type
_entity_poly.pdbx_seq_one_letter_code
_entity_poly.pdbx_strand_id
1 'polypeptide(L)'
;DIVITQDELSNPVTSGESVSISCRSSRSLLYKDGRTYLNWFLQRPGQSPQLLIYLMSTRASGVSDRFSGSGSGTDFTLEI
SRVKAEDVGVYYCQQFVEYPFTFGSGTKLEIKRADAAPTVSIFPPSSEQLTSGGASVVCFLNNFYPKDINVKWKIDGSER
QNGVLNSWTDQDSKDSTYSMSSTLTLTKDEYERHNSYTCEATHKTSTSPIVKSFNR
;
L
2 'polypeptide(L)'
;EVKLSESGPGLVKPSQSLSLTCTVTGYSITTNYAWTWIRQFPGNKLEWMGYIRSSVITRYNPSLKSRISITQDTSKNQFF
LQLNSVTTEDTATYYCARYDYYGNTGDYWGQGTSVTVSSAKTTPPSVYPLAPGTAALKSSMVTLGCLVKGYFPEPVTVTW
NSGSLSSGVHTFPAVLQSDLYTLTSSVTVPSSTWPSQTVTCNVAHPASSTKVDKKIVPR
;
H
#
# COMPACT_ATOMS: atom_id res chain seq x y z
N ASP A 1 7.07 -27.35 -7.21
CA ASP A 1 7.98 -26.27 -6.70
C ASP A 1 7.99 -26.30 -5.18
N ILE A 2 9.01 -25.69 -4.59
CA ILE A 2 9.12 -25.65 -3.14
C ILE A 2 8.02 -24.79 -2.55
N VAL A 3 7.39 -25.28 -1.49
CA VAL A 3 6.33 -24.55 -0.83
C VAL A 3 6.81 -24.12 0.54
N ILE A 4 6.72 -22.83 0.81
CA ILE A 4 7.14 -22.27 2.07
C ILE A 4 5.92 -21.75 2.82
N THR A 5 5.69 -22.31 4.00
CA THR A 5 4.54 -21.92 4.80
C THR A 5 4.99 -21.08 6.00
N GLN A 6 4.11 -20.17 6.40
CA GLN A 6 4.39 -19.30 7.53
C GLN A 6 3.09 -19.22 8.33
N ASP A 7 3.23 -19.19 9.64
CA ASP A 7 2.07 -19.08 10.52
C ASP A 7 1.95 -17.63 10.98
N GLU A 8 0.72 -17.24 11.29
CA GLU A 8 0.44 -15.88 11.74
C GLU A 8 0.74 -15.75 13.22
N LEU A 9 1.00 -14.52 13.67
CA LEU A 9 1.27 -14.26 15.08
C LEU A 9 -0.10 -14.26 15.76
N SER A 10 -0.13 -14.71 17.00
CA SER A 10 -1.37 -14.79 17.75
C SER A 10 -1.87 -13.46 18.30
N ASN A 11 -1.00 -12.45 18.37
CA ASN A 11 -1.41 -11.16 18.91
C ASN A 11 -0.38 -10.07 18.65
N PRO A 12 -0.78 -8.80 18.87
CA PRO A 12 0.16 -7.71 18.64
C PRO A 12 1.22 -7.78 19.75
N VAL A 13 2.46 -7.44 19.41
CA VAL A 13 3.56 -7.51 20.38
C VAL A 13 3.91 -6.17 21.01
N THR A 14 4.50 -6.24 22.20
CA THR A 14 4.90 -5.05 22.93
C THR A 14 6.25 -4.48 22.47
N SER A 15 6.28 -3.18 22.21
CA SER A 15 7.50 -2.54 21.78
C SER A 15 8.62 -2.82 22.79
N GLY A 16 9.81 -3.15 22.29
CA GLY A 16 10.93 -3.41 23.15
C GLY A 16 11.17 -4.88 23.46
N GLU A 17 10.15 -5.72 23.26
CA GLU A 17 10.27 -7.14 23.53
C GLU A 17 10.82 -7.87 22.31
N SER A 18 11.20 -9.12 22.50
CA SER A 18 11.74 -9.94 21.42
C SER A 18 10.61 -10.70 20.74
N VAL A 19 10.70 -10.84 19.41
CA VAL A 19 9.67 -11.53 18.62
C VAL A 19 10.33 -12.52 17.66
N SER A 20 9.69 -13.67 17.46
CA SER A 20 10.19 -14.70 16.55
C SER A 20 9.15 -14.99 15.46
N ILE A 21 9.60 -15.03 14.21
CA ILE A 21 8.72 -15.32 13.08
C ILE A 21 9.27 -16.57 12.40
N SER A 22 8.39 -17.53 12.12
CA SER A 22 8.80 -18.80 11.52
C SER A 22 8.48 -18.99 10.05
N CYS A 23 9.20 -19.92 9.44
CA CYS A 23 9.08 -20.25 8.03
C CYS A 23 9.47 -21.72 7.89
N ARG A 24 8.72 -22.49 7.11
CA ARG A 24 9.02 -23.91 6.90
C ARG A 24 9.00 -24.28 5.42
N SER A 25 10.02 -25.01 4.98
CA SER A 25 10.14 -25.41 3.58
C SER A 25 9.91 -26.92 3.36
N SER A 26 9.30 -27.26 2.22
CA SER A 26 9.02 -28.66 1.88
C SER A 26 10.29 -29.40 1.43
N ARG A 27 11.37 -28.66 1.25
CA ARG A 27 12.65 -29.25 0.83
C ARG A 27 13.78 -28.51 1.52
N SER A 28 14.91 -29.20 1.73
CA SER A 28 16.06 -28.59 2.36
C SER A 28 16.60 -27.45 1.51
N LEU A 29 17.03 -26.38 2.16
CA LEU A 29 17.59 -25.23 1.43
C LEU A 29 19.10 -25.22 1.61
N LEU A 30 19.63 -26.31 2.14
CA LEU A 30 21.06 -26.45 2.33
C LEU A 30 21.65 -26.82 0.97
N TYR A 31 22.63 -26.05 0.54
CA TYR A 31 23.26 -26.29 -0.76
C TYR A 31 24.60 -27.00 -0.57
N LYS A 32 25.07 -27.63 -1.63
CA LYS A 32 26.33 -28.37 -1.64
C LYS A 32 27.52 -27.63 -1.06
N ASP A 33 27.46 -26.31 -1.02
CA ASP A 33 28.56 -25.51 -0.47
C ASP A 33 28.39 -25.24 1.03
N GLY A 34 27.52 -26.01 1.70
CA GLY A 34 27.34 -25.88 3.12
C GLY A 34 26.51 -24.69 3.57
N ARG A 35 26.13 -23.83 2.63
CA ARG A 35 25.33 -22.65 2.93
C ARG A 35 23.84 -22.94 2.73
N THR A 36 22.99 -22.27 3.50
CA THR A 36 21.54 -22.45 3.39
C THR A 36 20.98 -21.19 2.74
N TYR A 37 20.35 -21.34 1.58
CA TYR A 37 19.86 -20.19 0.82
C TYR A 37 18.42 -19.79 1.12
N LEU A 38 18.27 -19.05 2.22
CA LEU A 38 16.97 -18.59 2.65
C LEU A 38 17.03 -17.09 2.97
N ASN A 39 16.12 -16.33 2.36
CA ASN A 39 16.04 -14.87 2.57
C ASN A 39 14.86 -14.48 3.45
N TRP A 40 15.02 -13.39 4.21
CA TRP A 40 13.92 -12.83 5.01
C TRP A 40 13.76 -11.39 4.52
N PHE A 41 12.53 -11.01 4.19
CA PHE A 41 12.19 -9.67 3.72
C PHE A 41 11.13 -9.05 4.62
N LEU A 42 11.15 -7.72 4.72
CA LEU A 42 10.12 -7.00 5.45
C LEU A 42 9.48 -6.06 4.44
N GLN A 43 8.15 -6.08 4.35
CA GLN A 43 7.45 -5.17 3.47
C GLN A 43 6.61 -4.27 4.35
N ARG A 44 7.11 -3.05 4.57
CA ARG A 44 6.41 -2.10 5.42
C ARG A 44 5.17 -1.59 4.70
N PRO A 45 4.23 -1.00 5.45
CA PRO A 45 2.99 -0.47 4.85
C PRO A 45 3.30 0.43 3.66
N GLY A 46 2.70 0.11 2.51
CA GLY A 46 2.89 0.90 1.31
C GLY A 46 4.27 0.93 0.67
N GLN A 47 5.19 0.06 1.10
CA GLN A 47 6.55 0.05 0.55
C GLN A 47 6.87 -1.22 -0.23
N SER A 48 7.99 -1.21 -0.95
CA SER A 48 8.45 -2.37 -1.69
C SER A 48 9.15 -3.28 -0.68
N PRO A 49 9.25 -4.58 -0.95
CA PRO A 49 9.93 -5.47 -0.01
C PRO A 49 11.39 -5.03 0.18
N GLN A 50 11.91 -5.23 1.39
CA GLN A 50 13.29 -4.88 1.71
C GLN A 50 13.97 -6.10 2.32
N LEU A 51 15.13 -6.46 1.78
CA LEU A 51 15.84 -7.63 2.30
C LEU A 51 16.47 -7.37 3.67
N LEU A 52 16.20 -8.28 4.61
CA LEU A 52 16.76 -8.18 5.96
C LEU A 52 17.89 -9.18 6.16
N ILE A 53 17.61 -10.42 5.74
CA ILE A 53 18.55 -11.51 5.91
C ILE A 53 18.68 -12.37 4.65
N TYR A 54 19.89 -12.86 4.39
CA TYR A 54 20.07 -13.77 3.26
C TYR A 54 21.03 -14.86 3.72
N LEU A 55 21.10 -15.96 2.98
CA LEU A 55 21.93 -17.07 3.38
C LEU A 55 21.55 -17.52 4.80
N MET A 56 20.27 -17.40 5.11
CA MET A 56 19.65 -17.79 6.38
C MET A 56 20.01 -16.96 7.62
N SER A 57 21.25 -16.50 7.71
CA SER A 57 21.66 -15.75 8.90
C SER A 57 22.51 -14.52 8.62
N THR A 58 22.76 -14.21 7.36
CA THR A 58 23.57 -13.04 7.04
C THR A 58 22.76 -11.76 6.88
N ARG A 59 23.09 -10.74 7.66
CA ARG A 59 22.38 -9.47 7.56
C ARG A 59 22.75 -8.71 6.30
N ALA A 60 21.75 -8.13 5.66
CA ALA A 60 21.99 -7.35 4.46
C ALA A 60 22.58 -6.01 4.91
N SER A 61 23.22 -5.32 3.97
CA SER A 61 23.84 -4.03 4.25
C SER A 61 22.88 -3.03 4.92
N GLY A 62 23.33 -2.42 6.01
CA GLY A 62 22.51 -1.42 6.68
C GLY A 62 21.36 -1.90 7.54
N VAL A 63 21.12 -3.21 7.57
CA VAL A 63 20.03 -3.75 8.38
C VAL A 63 20.45 -3.76 9.85
N SER A 64 19.56 -3.33 10.72
CA SER A 64 19.82 -3.27 12.16
C SER A 64 20.20 -4.62 12.77
N ASP A 65 21.16 -4.60 13.69
CA ASP A 65 21.60 -5.85 14.35
C ASP A 65 20.52 -6.47 15.27
N ARG A 66 19.38 -5.80 15.34
CA ARG A 66 18.27 -6.29 16.14
C ARG A 66 17.68 -7.50 15.41
N PHE A 67 18.00 -7.64 14.11
CA PHE A 67 17.49 -8.74 13.29
C PHE A 67 18.54 -9.85 13.15
N SER A 68 18.14 -11.08 13.44
CA SER A 68 19.07 -12.19 13.29
C SER A 68 18.30 -13.39 12.81
N GLY A 69 18.99 -14.31 12.13
CA GLY A 69 18.30 -15.47 11.62
C GLY A 69 18.98 -16.77 11.98
N SER A 70 18.18 -17.80 12.18
CA SER A 70 18.73 -19.11 12.50
C SER A 70 17.82 -20.15 11.87
N GLY A 71 18.10 -21.41 12.15
CA GLY A 71 17.28 -22.48 11.60
C GLY A 71 18.10 -23.65 11.10
N SER A 72 17.41 -24.70 10.68
CA SER A 72 18.07 -25.89 10.17
C SER A 72 18.00 -25.85 8.64
N GLY A 73 17.67 -26.98 8.03
CA GLY A 73 17.60 -27.08 6.59
C GLY A 73 16.19 -26.76 6.06
N THR A 74 15.18 -27.00 6.91
CA THR A 74 13.79 -26.78 6.49
C THR A 74 12.95 -25.93 7.47
N ASP A 75 13.50 -25.62 8.63
CA ASP A 75 12.79 -24.80 9.60
C ASP A 75 13.63 -23.57 9.93
N PHE A 76 13.10 -22.39 9.70
CA PHE A 76 13.86 -21.16 9.92
C PHE A 76 13.13 -20.15 10.78
N THR A 77 13.91 -19.37 11.51
CA THR A 77 13.34 -18.37 12.39
C THR A 77 14.01 -17.02 12.31
N LEU A 78 13.19 -15.98 12.21
CA LEU A 78 13.71 -14.63 12.19
C LEU A 78 13.43 -14.11 13.59
N GLU A 79 14.46 -13.66 14.27
CA GLU A 79 14.30 -13.12 15.61
C GLU A 79 14.51 -11.61 15.58
N ILE A 80 13.58 -10.87 16.17
CA ILE A 80 13.68 -9.42 16.22
C ILE A 80 13.84 -9.00 17.68
N SER A 81 15.00 -8.44 18.00
CA SER A 81 15.27 -7.97 19.36
C SER A 81 14.69 -6.56 19.52
N ARG A 82 14.13 -6.28 20.70
CA ARG A 82 13.66 -4.92 21.00
C ARG A 82 12.85 -4.41 19.82
N VAL A 83 11.70 -5.03 19.56
CA VAL A 83 10.86 -4.64 18.45
C VAL A 83 10.47 -3.17 18.53
N LYS A 84 10.39 -2.52 17.37
CA LYS A 84 10.07 -1.10 17.25
C LYS A 84 8.85 -0.86 16.38
N ALA A 85 8.25 0.32 16.54
CA ALA A 85 7.09 0.70 15.75
C ALA A 85 7.35 0.58 14.25
N GLU A 86 8.58 0.88 13.83
CA GLU A 86 8.92 0.81 12.41
C GLU A 86 9.04 -0.61 11.85
N ASP A 87 9.02 -1.61 12.72
CA ASP A 87 9.13 -2.99 12.27
C ASP A 87 7.80 -3.60 11.80
N VAL A 88 6.70 -2.87 11.93
CA VAL A 88 5.40 -3.40 11.52
C VAL A 88 5.31 -3.57 10.01
N GLY A 89 4.55 -4.57 9.59
CA GLY A 89 4.39 -4.86 8.18
C GLY A 89 4.22 -6.36 8.00
N VAL A 90 4.65 -6.87 6.85
CA VAL A 90 4.53 -8.31 6.60
C VAL A 90 5.91 -8.87 6.29
N TYR A 91 6.28 -9.94 6.98
CA TYR A 91 7.57 -10.58 6.79
C TYR A 91 7.42 -11.80 5.90
N TYR A 92 8.29 -11.91 4.90
CA TYR A 92 8.29 -13.03 3.98
C TYR A 92 9.68 -13.66 3.87
N CYS A 93 9.72 -14.98 3.80
CA CYS A 93 10.99 -15.64 3.60
C CYS A 93 10.93 -16.08 2.14
N GLN A 94 12.07 -16.36 1.54
CA GLN A 94 12.11 -16.81 0.13
C GLN A 94 13.25 -17.80 -0.02
N GLN A 95 13.05 -18.84 -0.82
CA GLN A 95 14.14 -19.80 -1.01
C GLN A 95 14.91 -19.51 -2.29
N PHE A 96 16.20 -19.82 -2.30
CA PHE A 96 16.99 -19.55 -3.48
C PHE A 96 17.78 -20.77 -3.94
N VAL A 97 17.15 -21.94 -3.91
CA VAL A 97 17.82 -23.16 -4.35
C VAL A 97 17.18 -23.83 -5.56
N GLU A 98 15.94 -23.48 -5.89
CA GLU A 98 15.31 -24.08 -7.07
C GLU A 98 14.25 -23.22 -7.72
N TYR A 99 14.27 -23.22 -9.04
CA TYR A 99 13.32 -22.44 -9.82
C TYR A 99 11.95 -23.10 -9.72
N PRO A 100 10.89 -22.30 -9.48
CA PRO A 100 10.94 -20.85 -9.29
C PRO A 100 11.32 -20.54 -7.85
N PHE A 101 11.97 -19.40 -7.62
CA PHE A 101 12.39 -19.02 -6.27
C PHE A 101 11.18 -18.50 -5.49
N THR A 102 10.45 -19.43 -4.89
CA THR A 102 9.23 -19.12 -4.16
C THR A 102 9.35 -18.39 -2.82
N PHE A 103 8.31 -17.62 -2.52
CA PHE A 103 8.19 -16.86 -1.30
C PHE A 103 7.17 -17.54 -0.38
N GLY A 104 7.33 -17.37 0.92
CA GLY A 104 6.39 -17.93 1.87
C GLY A 104 5.12 -17.10 1.85
N SER A 105 4.10 -17.55 2.56
CA SER A 105 2.82 -16.84 2.59
C SER A 105 2.85 -15.51 3.36
N GLY A 106 3.91 -15.29 4.13
CA GLY A 106 4.02 -14.03 4.88
C GLY A 106 3.38 -14.00 6.26
N THR A 107 4.00 -13.26 7.16
CA THR A 107 3.52 -13.11 8.54
C THR A 107 3.40 -11.63 8.88
N LYS A 108 2.22 -11.20 9.32
CA LYS A 108 2.00 -9.81 9.67
C LYS A 108 2.46 -9.54 11.11
N LEU A 109 3.09 -8.38 11.33
CA LEU A 109 3.54 -8.00 12.66
C LEU A 109 2.82 -6.73 13.05
N GLU A 110 2.15 -6.76 14.19
CA GLU A 110 1.43 -5.60 14.71
C GLU A 110 2.02 -5.25 16.08
N ILE A 111 1.95 -3.98 16.45
CA ILE A 111 2.46 -3.51 17.72
C ILE A 111 1.28 -3.16 18.64
N LYS A 112 1.30 -3.66 19.87
CA LYS A 112 0.22 -3.34 20.79
C LYS A 112 0.61 -2.14 21.62
N ARG A 113 0.14 -0.98 21.20
CA ARG A 113 0.43 0.26 21.91
C ARG A 113 -0.74 0.61 22.83
N ALA A 114 -0.60 1.72 23.55
CA ALA A 114 -1.64 2.18 24.46
C ALA A 114 -2.92 2.51 23.71
N ASP A 115 -4.06 2.30 24.36
CA ASP A 115 -5.35 2.61 23.76
C ASP A 115 -5.43 4.11 23.46
N ALA A 116 -5.96 4.45 22.29
CA ALA A 116 -6.09 5.85 21.89
C ALA A 116 -7.44 6.07 21.19
N ALA A 117 -8.19 7.06 21.67
CA ALA A 117 -9.48 7.38 21.07
C ALA A 117 -9.25 8.08 19.74
N PRO A 118 -10.13 7.84 18.77
CA PRO A 118 -9.99 8.45 17.46
C PRO A 118 -10.32 9.95 17.47
N THR A 119 -9.73 10.68 16.53
CA THR A 119 -10.00 12.08 16.36
C THR A 119 -10.97 12.04 15.19
N VAL A 120 -12.22 12.45 15.44
CA VAL A 120 -13.25 12.40 14.42
C VAL A 120 -13.53 13.76 13.77
N SER A 121 -13.67 13.75 12.45
CA SER A 121 -13.94 14.95 11.67
C SER A 121 -14.97 14.59 10.60
N ILE A 122 -15.95 15.46 10.40
CA ILE A 122 -16.97 15.22 9.39
C ILE A 122 -16.95 16.36 8.38
N PHE A 123 -17.24 16.05 7.12
CA PHE A 123 -17.20 17.05 6.06
C PHE A 123 -18.42 17.00 5.15
N PRO A 124 -19.03 18.17 4.90
CA PRO A 124 -20.21 18.26 4.04
C PRO A 124 -19.80 18.14 2.57
N PRO A 125 -20.76 17.89 1.67
CA PRO A 125 -20.46 17.77 0.25
C PRO A 125 -19.88 19.09 -0.27
N SER A 126 -18.99 19.01 -1.24
CA SER A 126 -18.39 20.21 -1.82
C SER A 126 -19.36 20.85 -2.79
N SER A 127 -19.25 22.16 -2.96
CA SER A 127 -20.11 22.87 -3.89
C SER A 127 -19.88 22.28 -5.28
N GLU A 128 -18.64 21.88 -5.55
CA GLU A 128 -18.31 21.31 -6.86
C GLU A 128 -19.03 20.00 -7.11
N GLN A 129 -19.05 19.11 -6.13
CA GLN A 129 -19.72 17.83 -6.32
C GLN A 129 -21.23 18.05 -6.47
N LEU A 130 -21.77 18.98 -5.70
CA LEU A 130 -23.21 19.27 -5.74
C LEU A 130 -23.69 19.72 -7.13
N THR A 131 -22.87 20.48 -7.84
CA THR A 131 -23.26 20.94 -9.17
C THR A 131 -23.27 19.73 -10.11
N SER A 132 -22.61 18.64 -9.68
CA SER A 132 -22.54 17.42 -10.48
C SER A 132 -23.73 16.52 -10.19
N GLY A 133 -24.54 16.88 -9.19
CA GLY A 133 -25.71 16.08 -8.85
C GLY A 133 -25.46 15.04 -7.78
N GLY A 134 -24.22 14.96 -7.30
CA GLY A 134 -23.90 13.99 -6.26
C GLY A 134 -23.65 14.68 -4.94
N ALA A 135 -23.62 13.92 -3.86
CA ALA A 135 -23.40 14.49 -2.54
C ALA A 135 -22.78 13.46 -1.60
N SER A 136 -21.48 13.60 -1.37
CA SER A 136 -20.80 12.68 -0.48
C SER A 136 -20.47 13.37 0.84
N VAL A 137 -20.74 12.68 1.94
CA VAL A 137 -20.46 13.22 3.27
C VAL A 137 -19.35 12.32 3.78
N VAL A 138 -18.23 12.92 4.15
CA VAL A 138 -17.08 12.14 4.60
C VAL A 138 -16.78 12.31 6.08
N CYS A 139 -16.39 11.20 6.70
CA CYS A 139 -16.03 11.21 8.10
C CYS A 139 -14.71 10.48 8.30
N PHE A 140 -13.76 11.14 8.97
CA PHE A 140 -12.46 10.54 9.25
C PHE A 140 -12.37 10.18 10.73
N LEU A 141 -11.93 8.96 11.00
CA LEU A 141 -11.71 8.49 12.37
C LEU A 141 -10.21 8.21 12.37
N ASN A 142 -9.43 9.20 12.80
CA ASN A 142 -7.98 9.10 12.78
C ASN A 142 -7.21 8.84 14.07
N ASN A 143 -6.09 8.14 13.89
CA ASN A 143 -5.13 7.81 14.94
C ASN A 143 -5.67 7.19 16.22
N PHE A 144 -6.31 6.04 16.10
CA PHE A 144 -6.84 5.36 17.26
C PHE A 144 -6.22 3.98 17.41
N TYR A 145 -6.44 3.35 18.55
CA TYR A 145 -5.93 2.00 18.83
C TYR A 145 -6.70 1.45 20.04
N PRO A 146 -7.15 0.18 19.98
CA PRO A 146 -6.98 -0.82 18.91
C PRO A 146 -7.72 -0.50 17.61
N LYS A 147 -7.57 -1.40 16.64
CA LYS A 147 -8.16 -1.27 15.31
C LYS A 147 -9.67 -1.46 15.21
N ASP A 148 -10.26 -2.17 16.16
CA ASP A 148 -11.70 -2.41 16.14
C ASP A 148 -12.44 -1.11 16.40
N ILE A 149 -13.41 -0.81 15.55
CA ILE A 149 -14.17 0.43 15.70
C ILE A 149 -15.47 0.35 14.92
N ASN A 150 -16.46 1.11 15.36
CA ASN A 150 -17.77 1.14 14.70
C ASN A 150 -18.24 2.57 14.45
N VAL A 151 -18.70 2.81 13.23
CA VAL A 151 -19.18 4.14 12.87
C VAL A 151 -20.65 4.07 12.50
N LYS A 152 -21.43 5.02 12.99
CA LYS A 152 -22.86 5.06 12.72
C LYS A 152 -23.26 6.41 12.13
N TRP A 153 -24.04 6.36 11.06
CA TRP A 153 -24.50 7.59 10.42
C TRP A 153 -25.96 7.86 10.79
N LYS A 154 -26.27 9.14 11.01
CA LYS A 154 -27.63 9.57 11.34
C LYS A 154 -27.96 10.80 10.50
N ILE A 155 -29.19 10.87 10.02
CA ILE A 155 -29.65 11.99 9.20
C ILE A 155 -30.92 12.53 9.84
N ASP A 156 -30.84 13.73 10.39
CA ASP A 156 -31.98 14.35 11.06
C ASP A 156 -32.38 13.48 12.26
N GLY A 157 -31.38 12.88 12.90
CA GLY A 157 -31.64 12.05 14.06
C GLY A 157 -32.00 10.60 13.76
N SER A 158 -32.11 10.26 12.49
CA SER A 158 -32.47 8.90 12.09
C SER A 158 -31.27 8.14 11.54
N GLU A 159 -31.05 6.93 12.05
CA GLU A 159 -29.96 6.06 11.62
C GLU A 159 -29.97 5.81 10.10
N ARG A 160 -28.80 5.63 9.53
CA ARG A 160 -28.71 5.36 8.09
C ARG A 160 -27.68 4.26 7.82
N GLN A 161 -28.04 3.32 6.95
CA GLN A 161 -27.15 2.21 6.63
C GLN A 161 -26.90 2.05 5.13
N ASN A 162 -27.69 2.73 4.32
CA ASN A 162 -27.55 2.63 2.86
C ASN A 162 -26.63 3.71 2.30
N GLY A 163 -25.74 3.29 1.39
CA GLY A 163 -24.82 4.22 0.75
C GLY A 163 -23.56 4.56 1.53
N VAL A 164 -23.21 3.72 2.51
CA VAL A 164 -22.01 3.95 3.31
C VAL A 164 -20.90 2.99 2.92
N LEU A 165 -19.69 3.53 2.73
CA LEU A 165 -18.54 2.72 2.37
C LEU A 165 -17.37 3.11 3.25
N ASN A 166 -16.74 2.11 3.88
CA ASN A 166 -15.62 2.37 4.77
C ASN A 166 -14.29 1.84 4.25
N SER A 167 -13.21 2.47 4.72
CA SER A 167 -11.85 2.06 4.35
C SER A 167 -10.96 2.20 5.57
N TRP A 168 -10.10 1.22 5.78
CA TRP A 168 -9.18 1.20 6.93
C TRP A 168 -7.74 1.20 6.48
N THR A 169 -6.89 1.91 7.23
CA THR A 169 -5.46 1.94 6.92
C THR A 169 -4.80 0.80 7.69
N ASP A 170 -3.56 0.51 7.31
CA ASP A 170 -2.77 -0.52 8.00
C ASP A 170 -2.24 0.22 9.24
N GLN A 171 -1.54 -0.48 10.11
CA GLN A 171 -1.00 0.16 11.31
C GLN A 171 0.10 1.16 10.97
N ASP A 172 0.03 2.36 11.55
CA ASP A 172 1.03 3.39 11.27
C ASP A 172 2.44 3.01 11.75
N SER A 173 3.44 3.21 10.89
CA SER A 173 4.83 2.88 11.20
C SER A 173 5.47 3.80 12.22
N LYS A 174 4.91 4.98 12.40
CA LYS A 174 5.47 5.96 13.34
C LYS A 174 4.78 5.97 14.70
N ASP A 175 3.46 5.94 14.76
CA ASP A 175 2.81 5.97 16.05
C ASP A 175 1.96 4.74 16.38
N SER A 176 2.07 3.71 15.55
CA SER A 176 1.36 2.46 15.77
C SER A 176 -0.15 2.61 15.92
N THR A 177 -0.77 3.58 15.24
CA THR A 177 -2.21 3.77 15.34
C THR A 177 -2.91 3.32 14.04
N TYR A 178 -4.24 3.38 14.06
CA TYR A 178 -5.05 3.03 12.90
C TYR A 178 -5.97 4.20 12.55
N SER A 179 -6.41 4.25 11.31
CA SER A 179 -7.31 5.30 10.87
C SER A 179 -8.36 4.69 9.94
N MET A 180 -9.51 5.35 9.86
CA MET A 180 -10.62 4.88 9.03
C MET A 180 -11.39 6.05 8.43
N SER A 181 -11.92 5.83 7.24
CA SER A 181 -12.71 6.85 6.58
C SER A 181 -14.06 6.22 6.31
N SER A 182 -15.12 6.98 6.54
CA SER A 182 -16.47 6.50 6.29
C SER A 182 -17.10 7.53 5.37
N THR A 183 -17.63 7.08 4.25
CA THR A 183 -18.24 7.97 3.29
C THR A 183 -19.67 7.59 2.96
N LEU A 184 -20.57 8.53 3.15
CA LEU A 184 -21.97 8.32 2.86
C LEU A 184 -22.25 9.05 1.55
N THR A 185 -22.72 8.33 0.54
CA THR A 185 -22.99 8.98 -0.74
C THR A 185 -24.47 8.93 -1.11
N LEU A 186 -25.02 10.10 -1.40
CA LEU A 186 -26.42 10.22 -1.79
C LEU A 186 -26.54 11.14 -2.99
N THR A 187 -27.70 11.13 -3.63
CA THR A 187 -27.91 12.02 -4.76
C THR A 187 -28.04 13.43 -4.19
N LYS A 188 -27.93 14.43 -5.05
CA LYS A 188 -28.04 15.80 -4.60
C LYS A 188 -29.41 16.04 -3.97
N ASP A 189 -30.46 15.61 -4.65
CA ASP A 189 -31.83 15.77 -4.17
C ASP A 189 -32.03 15.20 -2.78
N GLU A 190 -31.51 13.99 -2.55
CA GLU A 190 -31.63 13.34 -1.27
C GLU A 190 -30.98 14.21 -0.19
N TYR A 191 -29.73 14.59 -0.44
CA TYR A 191 -28.99 15.43 0.49
C TYR A 191 -29.74 16.72 0.81
N GLU A 192 -30.35 17.31 -0.21
CA GLU A 192 -31.11 18.56 -0.05
C GLU A 192 -32.41 18.38 0.72
N ARG A 193 -32.74 17.13 1.03
CA ARG A 193 -33.99 16.82 1.73
C ARG A 193 -33.82 16.71 3.24
N HIS A 194 -32.60 16.94 3.73
CA HIS A 194 -32.33 16.85 5.15
C HIS A 194 -31.39 17.96 5.61
N ASN A 195 -31.35 18.21 6.92
CA ASN A 195 -30.51 19.28 7.43
C ASN A 195 -29.35 18.80 8.31
N SER A 196 -29.65 17.90 9.23
CA SER A 196 -28.65 17.37 10.16
C SER A 196 -27.93 16.11 9.68
N TYR A 197 -26.60 16.15 9.66
CA TYR A 197 -25.80 14.99 9.26
C TYR A 197 -24.80 14.69 10.37
N THR A 198 -24.89 13.47 10.92
CA THR A 198 -24.04 13.07 12.02
C THR A 198 -23.25 11.78 11.83
N CYS A 199 -22.01 11.82 12.30
CA CYS A 199 -21.08 10.69 12.25
C CYS A 199 -20.87 10.30 13.71
N GLU A 200 -21.10 9.03 14.02
CA GLU A 200 -20.97 8.55 15.40
C GLU A 200 -19.94 7.42 15.52
N ALA A 201 -18.85 7.69 16.23
CA ALA A 201 -17.79 6.69 16.39
C ALA A 201 -17.79 6.04 17.77
N THR A 202 -17.91 4.71 17.79
CA THR A 202 -17.90 3.96 19.03
C THR A 202 -16.59 3.20 19.14
N HIS A 203 -15.82 3.49 20.19
CA HIS A 203 -14.55 2.83 20.40
C HIS A 203 -14.49 2.27 21.82
N LYS A 204 -13.47 1.45 22.09
CA LYS A 204 -13.28 0.82 23.39
C LYS A 204 -12.79 1.82 24.43
N THR A 205 -12.21 2.92 23.95
CA THR A 205 -11.67 3.95 24.82
C THR A 205 -12.71 4.70 25.65
N SER A 206 -13.98 4.59 25.28
CA SER A 206 -15.04 5.28 26.03
C SER A 206 -16.40 4.64 25.94
N THR A 207 -17.25 4.93 26.93
CA THR A 207 -18.60 4.41 27.00
C THR A 207 -19.52 5.13 26.02
N SER A 208 -19.30 6.43 25.87
CA SER A 208 -20.12 7.23 24.98
C SER A 208 -19.46 7.43 23.63
N PRO A 209 -20.24 7.30 22.54
CA PRO A 209 -19.70 7.48 21.20
C PRO A 209 -19.24 8.92 20.98
N ILE A 210 -18.26 9.09 20.10
CA ILE A 210 -17.77 10.42 19.78
C ILE A 210 -18.68 10.85 18.64
N VAL A 211 -19.29 12.02 18.77
CA VAL A 211 -20.22 12.50 17.74
C VAL A 211 -19.78 13.79 17.06
N LYS A 212 -19.87 13.79 15.73
CA LYS A 212 -19.51 14.96 14.93
C LYS A 212 -20.66 15.20 13.96
N SER A 213 -21.05 16.46 13.79
CA SER A 213 -22.16 16.75 12.88
C SER A 213 -22.12 18.16 12.30
N PHE A 214 -23.04 18.41 11.38
CA PHE A 214 -23.16 19.71 10.74
C PHE A 214 -24.57 19.86 10.17
N ASN A 215 -25.01 21.10 10.00
CA ASN A 215 -26.32 21.39 9.45
C ASN A 215 -26.18 22.05 8.08
N ARG A 216 -26.83 21.46 7.08
CA ARG A 216 -26.79 21.98 5.72
C ARG A 216 -27.33 23.41 5.67
N GLU B 1 24.26 5.48 -6.18
CA GLU B 1 24.41 3.99 -6.17
C GLU B 1 23.57 3.36 -7.27
N VAL B 2 22.84 2.31 -6.93
CA VAL B 2 22.00 1.60 -7.88
C VAL B 2 20.53 1.92 -7.67
N LYS B 3 19.82 2.16 -8.76
CA LYS B 3 18.40 2.47 -8.68
C LYS B 3 17.65 1.85 -9.86
N LEU B 4 16.51 1.25 -9.55
CA LEU B 4 15.68 0.61 -10.56
C LEU B 4 14.30 1.27 -10.56
N SER B 5 13.71 1.40 -11.75
CA SER B 5 12.40 2.00 -11.87
C SER B 5 11.59 1.33 -12.98
N GLU B 6 10.38 0.88 -12.63
CA GLU B 6 9.50 0.22 -13.59
C GLU B 6 8.60 1.25 -14.25
N SER B 7 8.13 0.93 -15.45
CA SER B 7 7.25 1.83 -16.18
C SER B 7 6.52 1.06 -17.25
N GLY B 8 5.35 1.55 -17.62
CA GLY B 8 4.55 0.89 -18.64
C GLY B 8 3.07 1.08 -18.37
N PRO B 9 2.21 0.67 -19.31
CA PRO B 9 0.76 0.81 -19.17
C PRO B 9 0.20 0.15 -17.92
N GLY B 10 -0.70 0.85 -17.24
CA GLY B 10 -1.31 0.30 -16.04
C GLY B 10 -2.63 -0.40 -16.32
N LEU B 11 -3.03 -0.45 -17.58
CA LEU B 11 -4.26 -1.12 -17.96
C LEU B 11 -4.03 -1.91 -19.24
N VAL B 12 -4.36 -3.20 -19.20
CA VAL B 12 -4.19 -4.08 -20.36
C VAL B 12 -5.46 -4.92 -20.54
N LYS B 13 -5.94 -5.02 -21.78
CA LYS B 13 -7.15 -5.78 -22.04
C LYS B 13 -6.86 -7.28 -22.00
N PRO B 14 -7.84 -8.08 -21.55
CA PRO B 14 -7.64 -9.52 -21.48
C PRO B 14 -7.31 -10.10 -22.85
N SER B 15 -6.39 -11.07 -22.86
CA SER B 15 -5.93 -11.75 -24.07
C SER B 15 -4.77 -11.02 -24.73
N GLN B 16 -4.64 -9.73 -24.45
CA GLN B 16 -3.56 -8.96 -25.04
C GLN B 16 -2.26 -9.21 -24.31
N SER B 17 -1.22 -8.45 -24.67
CA SER B 17 0.09 -8.61 -24.06
C SER B 17 0.50 -7.46 -23.16
N LEU B 18 1.07 -7.82 -22.00
CA LEU B 18 1.53 -6.84 -21.02
C LEU B 18 3.02 -6.60 -21.26
N SER B 19 3.42 -5.34 -21.21
CA SER B 19 4.82 -4.98 -21.42
C SER B 19 5.26 -3.96 -20.39
N LEU B 20 6.40 -4.23 -19.76
CA LEU B 20 6.93 -3.32 -18.77
C LEU B 20 8.41 -3.12 -19.00
N THR B 21 8.92 -1.97 -18.57
CA THR B 21 10.33 -1.63 -18.73
C THR B 21 10.93 -1.30 -17.37
N CYS B 22 12.16 -1.76 -17.14
CA CYS B 22 12.84 -1.43 -15.90
C CYS B 22 14.06 -0.66 -16.35
N THR B 23 14.13 0.60 -15.94
CA THR B 23 15.25 1.46 -16.27
C THR B 23 16.21 1.47 -15.10
N VAL B 24 17.43 1.01 -15.36
CA VAL B 24 18.46 0.92 -14.35
C VAL B 24 19.46 2.06 -14.47
N THR B 25 19.79 2.67 -13.33
CA THR B 25 20.78 3.74 -13.32
C THR B 25 21.80 3.47 -12.21
N GLY B 26 23.07 3.76 -12.49
CA GLY B 26 24.10 3.54 -11.49
C GLY B 26 24.80 2.20 -11.57
N TYR B 27 24.41 1.36 -12.53
CA TYR B 27 25.02 0.05 -12.68
C TYR B 27 24.66 -0.53 -14.04
N SER B 28 25.63 -1.18 -14.69
CA SER B 28 25.41 -1.79 -16.00
C SER B 28 24.68 -3.11 -15.85
N ILE B 29 23.70 -3.36 -16.72
CA ILE B 29 22.93 -4.59 -16.66
C ILE B 29 23.63 -5.73 -17.39
N THR B 30 24.72 -5.42 -18.08
CA THR B 30 25.47 -6.45 -18.80
C THR B 30 26.30 -7.24 -17.79
N THR B 31 26.01 -7.06 -16.52
CA THR B 31 26.73 -7.74 -15.44
C THR B 31 26.11 -9.07 -15.05
N ASN B 32 26.84 -9.86 -14.25
CA ASN B 32 26.37 -11.17 -13.83
C ASN B 32 25.45 -11.17 -12.62
N TYR B 33 24.36 -10.42 -12.72
CA TYR B 33 23.37 -10.35 -11.66
C TYR B 33 22.06 -10.77 -12.28
N ALA B 34 21.16 -11.31 -11.47
CA ALA B 34 19.86 -11.70 -11.99
C ALA B 34 18.95 -10.47 -11.99
N TRP B 35 18.78 -9.85 -13.15
CA TRP B 35 17.90 -8.71 -13.24
C TRP B 35 16.53 -9.36 -13.35
N THR B 36 15.80 -9.35 -12.25
CA THR B 36 14.53 -10.05 -12.21
C THR B 36 13.25 -9.28 -12.01
N TRP B 37 12.17 -9.93 -12.45
CA TRP B 37 10.83 -9.39 -12.36
C TRP B 37 10.09 -10.21 -11.32
N ILE B 38 9.38 -9.52 -10.43
CA ILE B 38 8.60 -10.15 -9.37
C ILE B 38 7.25 -9.45 -9.34
N ARG B 39 6.19 -10.17 -9.00
CA ARG B 39 4.89 -9.52 -8.93
C ARG B 39 4.16 -9.88 -7.65
N GLN B 40 3.30 -8.96 -7.22
CA GLN B 40 2.52 -9.16 -6.00
C GLN B 40 1.05 -8.97 -6.33
N PHE B 41 0.30 -10.05 -6.18
CA PHE B 41 -1.13 -10.05 -6.47
C PHE B 41 -1.94 -9.36 -5.39
N PRO B 42 -3.21 -9.05 -5.68
CA PRO B 42 -4.03 -8.41 -4.65
C PRO B 42 -4.10 -9.51 -3.59
N GLY B 43 -3.86 -9.19 -2.33
CA GLY B 43 -3.88 -10.22 -1.32
C GLY B 43 -2.46 -10.32 -0.79
N ASN B 44 -1.53 -9.76 -1.55
CA ASN B 44 -0.12 -9.67 -1.22
C ASN B 44 0.79 -10.87 -1.49
N LYS B 45 0.28 -11.91 -2.13
CA LYS B 45 1.11 -13.06 -2.44
C LYS B 45 2.19 -12.62 -3.43
N LEU B 46 3.43 -13.05 -3.20
CA LEU B 46 4.56 -12.71 -4.06
C LEU B 46 4.94 -13.87 -4.98
N GLU B 47 5.34 -13.55 -6.20
CA GLU B 47 5.73 -14.57 -7.17
C GLU B 47 6.96 -14.17 -7.97
N TRP B 48 7.90 -15.09 -8.11
CA TRP B 48 9.12 -14.87 -8.87
C TRP B 48 8.75 -15.15 -10.33
N MET B 49 8.93 -14.18 -11.21
CA MET B 49 8.59 -14.38 -12.62
C MET B 49 9.78 -14.87 -13.47
N GLY B 50 10.97 -14.38 -13.16
CA GLY B 50 12.14 -14.79 -13.92
C GLY B 50 13.19 -13.69 -13.98
N TYR B 51 14.28 -13.94 -14.70
CA TYR B 51 15.34 -12.94 -14.82
C TYR B 51 16.16 -13.07 -16.10
N ILE B 52 16.95 -12.03 -16.38
CA ILE B 52 17.89 -12.05 -17.49
C ILE B 52 19.18 -11.72 -16.76
N ARG B 53 20.27 -12.38 -17.15
CA ARG B 53 21.55 -12.20 -16.47
C ARG B 53 22.70 -12.31 -17.46
N SER B 54 23.68 -11.47 -17.34
CA SER B 54 24.89 -11.43 -18.13
C SER B 54 24.48 -11.39 -19.60
N SER B 55 23.42 -10.63 -19.88
CA SER B 55 22.90 -10.42 -21.22
C SER B 55 22.27 -11.60 -21.96
N VAL B 56 22.86 -12.79 -21.83
CA VAL B 56 22.37 -13.95 -22.56
C VAL B 56 21.77 -15.10 -21.76
N ILE B 57 21.63 -14.94 -20.45
CA ILE B 57 21.05 -16.00 -19.63
C ILE B 57 19.69 -15.58 -19.10
N THR B 58 18.67 -16.36 -19.39
CA THR B 58 17.33 -16.06 -18.87
C THR B 58 16.79 -17.30 -18.18
N ARG B 59 15.97 -17.09 -17.16
CA ARG B 59 15.36 -18.18 -16.41
C ARG B 59 13.94 -17.67 -16.10
N TYR B 60 12.94 -18.51 -16.33
CA TYR B 60 11.55 -18.12 -16.09
C TYR B 60 10.82 -19.07 -15.15
N ASN B 61 9.74 -18.58 -14.56
CA ASN B 61 8.91 -19.41 -13.68
C ASN B 61 8.21 -20.38 -14.63
N PRO B 62 8.33 -21.69 -14.38
CA PRO B 62 7.68 -22.70 -15.24
C PRO B 62 6.17 -22.54 -15.41
N SER B 63 5.50 -22.05 -14.37
CA SER B 63 4.05 -21.89 -14.43
C SER B 63 3.63 -20.88 -15.51
N LEU B 64 4.54 -19.99 -15.90
CA LEU B 64 4.20 -19.00 -16.91
C LEU B 64 4.26 -19.56 -18.33
N LYS B 65 4.70 -20.82 -18.44
CA LYS B 65 4.78 -21.47 -19.74
C LYS B 65 5.58 -20.64 -20.73
N SER B 66 5.10 -20.57 -21.95
CA SER B 66 5.80 -19.81 -22.97
C SER B 66 5.24 -18.42 -23.19
N ARG B 67 4.46 -17.90 -22.24
CA ARG B 67 3.93 -16.56 -22.45
C ARG B 67 4.81 -15.44 -21.91
N ILE B 68 5.81 -15.78 -21.12
CA ILE B 68 6.71 -14.76 -20.61
C ILE B 68 8.01 -14.69 -21.42
N SER B 69 8.51 -13.47 -21.57
CA SER B 69 9.75 -13.21 -22.28
C SER B 69 10.41 -12.04 -21.56
N ILE B 70 11.72 -12.16 -21.30
CA ILE B 70 12.49 -11.09 -20.64
C ILE B 70 13.68 -10.78 -21.54
N THR B 71 13.81 -9.53 -21.94
CA THR B 71 14.90 -9.12 -22.84
C THR B 71 15.50 -7.80 -22.37
N GLN B 72 16.52 -7.30 -23.09
CA GLN B 72 17.13 -6.05 -22.66
C GLN B 72 17.68 -5.23 -23.83
N ASP B 73 18.05 -4.00 -23.51
CA ASP B 73 18.63 -3.06 -24.45
C ASP B 73 19.82 -2.43 -23.74
N THR B 74 21.01 -2.93 -24.06
CA THR B 74 22.22 -2.44 -23.44
C THR B 74 22.44 -0.94 -23.61
N SER B 75 22.16 -0.41 -24.81
CA SER B 75 22.36 1.01 -25.06
C SER B 75 21.51 1.91 -24.17
N LYS B 76 20.39 1.40 -23.66
CA LYS B 76 19.53 2.21 -22.82
C LYS B 76 19.60 1.74 -21.36
N ASN B 77 20.34 0.65 -21.14
CA ASN B 77 20.50 0.07 -19.82
C ASN B 77 19.11 -0.21 -19.22
N GLN B 78 18.27 -0.88 -19.99
CA GLN B 78 16.91 -1.22 -19.56
C GLN B 78 16.63 -2.68 -19.85
N PHE B 79 15.82 -3.32 -19.02
CA PHE B 79 15.40 -4.68 -19.32
C PHE B 79 13.88 -4.68 -19.35
N PHE B 80 13.31 -5.63 -20.06
CA PHE B 80 11.87 -5.65 -20.24
C PHE B 80 11.17 -6.94 -19.88
N LEU B 81 9.88 -6.80 -19.63
CA LEU B 81 9.03 -7.92 -19.32
C LEU B 81 7.91 -7.92 -20.36
N GLN B 82 7.65 -9.07 -20.94
CA GLN B 82 6.55 -9.20 -21.88
C GLN B 82 5.80 -10.42 -21.42
N LEU B 83 4.53 -10.25 -21.13
CA LEU B 83 3.68 -11.35 -20.69
C LEU B 83 2.49 -11.40 -21.63
N ASN B 84 2.42 -12.46 -22.45
CA ASN B 84 1.34 -12.58 -23.41
C ASN B 84 0.05 -13.20 -22.87
N SER B 85 -1.01 -13.06 -23.66
CA SER B 85 -2.33 -13.60 -23.35
C SER B 85 -2.75 -13.45 -21.91
N VAL B 86 -2.75 -12.21 -21.41
CA VAL B 86 -3.10 -11.98 -20.02
C VAL B 86 -4.58 -12.18 -19.71
N THR B 87 -4.84 -12.50 -18.45
CA THR B 87 -6.19 -12.68 -17.93
C THR B 87 -6.24 -11.83 -16.66
N THR B 88 -7.41 -11.71 -16.05
CA THR B 88 -7.55 -10.93 -14.84
C THR B 88 -6.64 -11.47 -13.73
N GLU B 89 -6.19 -12.71 -13.89
CA GLU B 89 -5.31 -13.33 -12.92
C GLU B 89 -3.93 -12.69 -12.92
N ASP B 90 -3.65 -11.88 -13.94
CA ASP B 90 -2.35 -11.22 -14.04
C ASP B 90 -2.36 -9.81 -13.46
N THR B 91 -3.52 -9.39 -12.94
CA THR B 91 -3.62 -8.08 -12.32
C THR B 91 -2.71 -8.17 -11.10
N ALA B 92 -1.77 -7.25 -10.98
CA ALA B 92 -0.84 -7.27 -9.83
C ALA B 92 0.10 -6.08 -9.88
N THR B 93 0.95 -5.96 -8.86
CA THR B 93 1.94 -4.90 -8.83
C THR B 93 3.22 -5.59 -9.25
N TYR B 94 3.87 -5.05 -10.27
CA TYR B 94 5.10 -5.62 -10.80
C TYR B 94 6.33 -4.84 -10.32
N TYR B 95 7.32 -5.59 -9.84
CA TYR B 95 8.57 -5.03 -9.32
C TYR B 95 9.78 -5.58 -10.06
N CYS B 96 10.80 -4.75 -10.25
CA CYS B 96 12.04 -5.25 -10.82
C CYS B 96 13.03 -5.17 -9.67
N ALA B 97 14.03 -6.05 -9.69
CA ALA B 97 15.01 -6.09 -8.62
C ALA B 97 16.27 -6.77 -9.10
N ARG B 98 17.38 -6.49 -8.42
CA ARG B 98 18.65 -7.09 -8.76
C ARG B 98 19.02 -8.13 -7.72
N TYR B 99 19.09 -9.39 -8.14
CA TYR B 99 19.47 -10.47 -7.24
C TYR B 99 20.87 -10.97 -7.58
N ASP B 100 21.67 -11.26 -6.56
CA ASP B 100 22.98 -11.81 -6.83
C ASP B 100 22.94 -13.32 -6.55
N TYR B 101 24.04 -14.00 -6.81
CA TYR B 101 24.17 -15.45 -6.64
C TYR B 101 23.69 -15.97 -5.28
N TYR B 102 23.95 -15.19 -4.24
CA TYR B 102 23.60 -15.59 -2.88
C TYR B 102 22.20 -15.20 -2.43
N GLY B 103 21.40 -14.67 -3.35
CA GLY B 103 20.04 -14.28 -3.04
C GLY B 103 19.86 -12.90 -2.45
N ASN B 104 20.96 -12.17 -2.34
CA ASN B 104 20.93 -10.82 -1.78
C ASN B 104 20.46 -9.81 -2.81
N THR B 105 19.50 -8.96 -2.44
CA THR B 105 18.97 -7.93 -3.34
C THR B 105 19.28 -6.58 -2.75
N GLY B 106 19.73 -6.57 -1.51
CA GLY B 106 20.00 -5.31 -0.85
C GLY B 106 18.72 -4.52 -0.91
N ASP B 107 18.82 -3.23 -1.22
CA ASP B 107 17.63 -2.39 -1.32
C ASP B 107 17.41 -2.10 -2.80
N TYR B 108 17.92 -2.98 -3.66
CA TYR B 108 17.81 -2.79 -5.09
C TYR B 108 16.51 -3.31 -5.70
N TRP B 109 15.40 -2.69 -5.29
CA TRP B 109 14.06 -3.03 -5.78
C TRP B 109 13.46 -1.74 -6.33
N GLY B 110 12.60 -1.86 -7.33
CA GLY B 110 11.95 -0.67 -7.87
C GLY B 110 10.77 -0.36 -6.97
N GLN B 111 10.08 0.75 -7.24
CA GLN B 111 8.93 1.12 -6.43
C GLN B 111 7.69 0.33 -6.81
N GLY B 112 7.80 -0.39 -7.93
CA GLY B 112 6.69 -1.19 -8.40
C GLY B 112 5.69 -0.40 -9.23
N THR B 113 5.05 -1.09 -10.17
CA THR B 113 4.05 -0.45 -11.01
C THR B 113 2.85 -1.38 -11.10
N SER B 114 1.67 -0.81 -10.93
CA SER B 114 0.44 -1.58 -10.98
C SER B 114 -0.04 -1.80 -12.39
N VAL B 115 -0.48 -3.01 -12.67
CA VAL B 115 -1.04 -3.35 -13.98
C VAL B 115 -2.36 -4.02 -13.68
N THR B 116 -3.42 -3.54 -14.32
CA THR B 116 -4.75 -4.10 -14.11
C THR B 116 -5.22 -4.68 -15.45
N VAL B 117 -5.63 -5.94 -15.45
CA VAL B 117 -6.13 -6.57 -16.68
C VAL B 117 -7.66 -6.47 -16.62
N SER B 118 -8.23 -5.68 -17.51
CA SER B 118 -9.67 -5.45 -17.53
C SER B 118 -10.15 -4.95 -18.88
N SER B 119 -11.45 -5.08 -19.12
CA SER B 119 -12.05 -4.63 -20.37
C SER B 119 -12.63 -3.24 -20.18
N ALA B 120 -12.72 -2.81 -18.92
CA ALA B 120 -13.28 -1.49 -18.60
C ALA B 120 -12.38 -0.41 -19.17
N LYS B 121 -12.95 0.77 -19.41
CA LYS B 121 -12.17 1.87 -19.96
C LYS B 121 -11.57 2.75 -18.87
N THR B 122 -10.48 3.43 -19.22
CA THR B 122 -9.81 4.33 -18.28
C THR B 122 -10.72 5.52 -18.03
N THR B 123 -10.86 5.88 -16.77
CA THR B 123 -11.70 6.98 -16.37
C THR B 123 -10.96 7.84 -15.37
N PRO B 124 -10.82 9.15 -15.66
CA PRO B 124 -10.10 10.05 -14.75
C PRO B 124 -10.96 10.42 -13.54
N PRO B 125 -10.32 10.65 -12.39
CA PRO B 125 -11.07 11.00 -11.19
C PRO B 125 -11.54 12.45 -11.14
N SER B 126 -12.52 12.71 -10.27
CA SER B 126 -13.00 14.06 -10.04
C SER B 126 -12.49 14.27 -8.62
N VAL B 127 -11.88 15.41 -8.36
CA VAL B 127 -11.32 15.65 -7.04
C VAL B 127 -12.10 16.73 -6.30
N TYR B 128 -12.59 16.39 -5.12
CA TYR B 128 -13.39 17.34 -4.34
C TYR B 128 -12.75 17.74 -3.02
N PRO B 129 -12.80 19.05 -2.70
CA PRO B 129 -12.21 19.54 -1.45
C PRO B 129 -13.06 19.25 -0.22
N LEU B 130 -12.40 18.87 0.87
CA LEU B 130 -13.10 18.60 2.11
C LEU B 130 -12.65 19.63 3.14
N ALA B 131 -13.51 20.62 3.39
CA ALA B 131 -13.21 21.68 4.37
C ALA B 131 -14.26 21.64 5.47
N PRO B 132 -13.85 21.90 6.72
CA PRO B 132 -14.80 21.89 7.85
C PRO B 132 -16.03 22.77 7.66
N GLY B 133 -17.16 22.32 8.19
CA GLY B 133 -18.39 23.09 8.07
C GLY B 133 -18.39 24.33 8.93
N THR B 134 -18.15 24.15 10.23
CA THR B 134 -18.12 25.26 11.18
C THR B 134 -16.74 25.39 11.81
N ALA B 135 -16.66 26.13 12.91
CA ALA B 135 -15.39 26.32 13.62
C ALA B 135 -15.38 25.54 14.93
N ALA B 136 -14.18 25.06 15.30
CA ALA B 136 -14.02 24.30 16.53
C ALA B 136 -12.90 24.91 17.37
N LEU B 137 -12.57 24.25 18.48
CA LEU B 137 -11.52 24.72 19.38
C LEU B 137 -10.20 24.93 18.62
N LYS B 138 -9.89 26.19 18.36
CA LYS B 138 -8.66 26.55 17.65
C LYS B 138 -7.45 26.38 18.57
N SER B 139 -6.34 27.01 18.20
CA SER B 139 -5.11 26.95 18.98
C SER B 139 -4.60 25.51 19.08
N SER B 140 -5.23 24.61 18.32
CA SER B 140 -4.85 23.20 18.32
C SER B 140 -4.59 22.70 16.90
N MET B 141 -5.25 21.61 16.52
CA MET B 141 -5.09 21.04 15.18
C MET B 141 -6.39 21.07 14.38
N VAL B 142 -6.26 21.08 13.06
CA VAL B 142 -7.42 21.08 12.17
C VAL B 142 -7.18 20.03 11.09
N THR B 143 -8.24 19.29 10.74
CA THR B 143 -8.12 18.27 9.72
C THR B 143 -8.87 18.66 8.46
N LEU B 144 -8.20 18.51 7.32
CA LEU B 144 -8.78 18.83 6.01
C LEU B 144 -8.63 17.58 5.16
N GLY B 145 -9.12 17.61 3.93
CA GLY B 145 -8.97 16.42 3.11
C GLY B 145 -9.44 16.61 1.68
N CYS B 146 -9.35 15.53 0.92
CA CYS B 146 -9.77 15.55 -0.47
C CYS B 146 -10.41 14.21 -0.81
N LEU B 147 -11.47 14.27 -1.60
CA LEU B 147 -12.18 13.08 -2.03
C LEU B 147 -11.87 12.85 -3.51
N VAL B 148 -11.29 11.70 -3.82
CA VAL B 148 -10.94 11.33 -5.20
C VAL B 148 -11.98 10.29 -5.63
N LYS B 149 -12.91 10.71 -6.47
CA LYS B 149 -14.01 9.84 -6.87
C LYS B 149 -14.20 9.46 -8.34
N GLY B 150 -14.58 8.20 -8.54
CA GLY B 150 -14.87 7.68 -9.87
C GLY B 150 -13.76 7.50 -10.88
N TYR B 151 -12.68 6.83 -10.50
CA TYR B 151 -11.58 6.60 -11.44
C TYR B 151 -11.29 5.13 -11.70
N PHE B 152 -10.58 4.88 -12.79
CA PHE B 152 -10.19 3.54 -13.17
C PHE B 152 -9.08 3.62 -14.22
N PRO B 153 -8.03 2.81 -14.07
CA PRO B 153 -7.86 1.84 -12.98
C PRO B 153 -7.06 2.49 -11.85
N GLU B 154 -6.62 1.65 -10.91
CA GLU B 154 -5.78 2.11 -9.82
C GLU B 154 -4.42 2.26 -10.49
N PRO B 155 -3.52 3.06 -9.92
CA PRO B 155 -3.74 3.84 -8.70
C PRO B 155 -3.81 5.32 -8.99
N VAL B 156 -3.91 6.10 -7.93
CA VAL B 156 -3.92 7.54 -7.99
C VAL B 156 -2.80 7.91 -7.02
N THR B 157 -2.10 9.00 -7.29
CA THR B 157 -1.02 9.44 -6.41
C THR B 157 -1.48 10.75 -5.76
N VAL B 158 -1.64 10.72 -4.45
CA VAL B 158 -2.12 11.88 -3.71
C VAL B 158 -1.01 12.47 -2.85
N THR B 159 -0.80 13.77 -2.98
CA THR B 159 0.20 14.46 -2.19
C THR B 159 -0.42 15.77 -1.71
N TRP B 160 0.20 16.32 -0.67
CA TRP B 160 -0.28 17.58 -0.14
C TRP B 160 0.82 18.64 -0.27
N ASN B 161 0.46 19.77 -0.82
CA ASN B 161 1.40 20.86 -1.05
C ASN B 161 2.63 20.37 -1.80
N SER B 162 2.36 19.64 -2.87
CA SER B 162 3.40 19.10 -3.75
C SER B 162 4.27 18.07 -3.08
N GLY B 163 3.80 17.52 -1.97
CA GLY B 163 4.57 16.51 -1.25
C GLY B 163 5.53 17.08 -0.23
N SER B 164 5.49 18.40 -0.05
CA SER B 164 6.36 19.06 0.92
C SER B 164 5.79 18.89 2.32
N LEU B 165 4.53 18.44 2.36
CA LEU B 165 3.80 18.20 3.60
C LEU B 165 3.40 16.73 3.51
N SER B 166 4.07 15.90 4.31
CA SER B 166 3.81 14.47 4.32
C SER B 166 3.49 13.93 5.71
N SER B 167 3.82 14.69 6.75
CA SER B 167 3.54 14.26 8.11
C SER B 167 2.07 14.54 8.46
N GLY B 168 1.43 13.58 9.12
CA GLY B 168 0.02 13.77 9.48
C GLY B 168 -0.92 13.58 8.30
N VAL B 169 -0.49 12.81 7.32
CA VAL B 169 -1.32 12.56 6.15
C VAL B 169 -1.82 11.11 6.16
N HIS B 170 -3.09 10.93 5.82
CA HIS B 170 -3.68 9.60 5.76
C HIS B 170 -4.42 9.46 4.45
N THR B 171 -3.86 8.69 3.53
CA THR B 171 -4.52 8.45 2.24
C THR B 171 -5.07 7.04 2.35
N PHE B 172 -6.39 6.93 2.38
CA PHE B 172 -7.02 5.62 2.53
C PHE B 172 -7.09 4.72 1.31
N PRO B 173 -7.14 3.40 1.52
CA PRO B 173 -7.22 2.44 0.42
C PRO B 173 -8.51 2.72 -0.35
N ALA B 174 -8.45 2.61 -1.68
CA ALA B 174 -9.64 2.87 -2.49
C ALA B 174 -10.67 1.77 -2.32
N VAL B 175 -11.92 2.10 -2.62
CA VAL B 175 -13.03 1.17 -2.57
C VAL B 175 -13.53 1.06 -3.99
N LEU B 176 -13.84 -0.15 -4.43
CA LEU B 176 -14.32 -0.38 -5.80
C LEU B 176 -15.83 -0.55 -5.85
N GLN B 177 -16.45 0.11 -6.82
CA GLN B 177 -17.89 0.02 -6.98
C GLN B 177 -18.28 0.40 -8.41
N SER B 178 -19.04 -0.47 -9.07
CA SER B 178 -19.47 -0.21 -10.42
C SER B 178 -18.30 0.12 -11.33
N ASP B 179 -17.27 -0.68 -11.26
CA ASP B 179 -16.05 -0.49 -12.06
C ASP B 179 -15.36 0.84 -11.84
N LEU B 180 -15.64 1.49 -10.71
CA LEU B 180 -15.01 2.77 -10.41
C LEU B 180 -14.48 2.82 -8.99
N TYR B 181 -13.32 3.45 -8.82
CA TYR B 181 -12.70 3.57 -7.51
C TYR B 181 -12.93 4.93 -6.89
N THR B 182 -12.95 4.94 -5.56
CA THR B 182 -13.11 6.16 -4.80
C THR B 182 -12.21 6.05 -3.58
N LEU B 183 -11.53 7.14 -3.24
CA LEU B 183 -10.61 7.16 -2.12
C LEU B 183 -10.59 8.56 -1.51
N THR B 184 -10.16 8.66 -0.25
CA THR B 184 -10.05 9.96 0.40
C THR B 184 -8.70 10.09 1.05
N SER B 185 -8.30 11.32 1.31
CA SER B 185 -7.03 11.59 1.98
C SER B 185 -7.25 12.70 2.99
N SER B 186 -6.70 12.52 4.19
CA SER B 186 -6.84 13.54 5.21
C SER B 186 -5.47 14.13 5.52
N VAL B 187 -5.47 15.37 5.98
CA VAL B 187 -4.24 16.03 6.37
C VAL B 187 -4.58 16.86 7.60
N THR B 188 -3.73 16.79 8.61
CA THR B 188 -3.97 17.53 9.83
C THR B 188 -2.82 18.49 10.06
N VAL B 189 -3.18 19.76 10.28
CA VAL B 189 -2.17 20.80 10.48
C VAL B 189 -2.53 21.70 11.64
N PRO B 190 -1.55 22.49 12.13
CA PRO B 190 -1.83 23.39 13.25
C PRO B 190 -2.96 24.34 12.83
N SER B 191 -4.00 24.44 13.65
CA SER B 191 -5.11 25.32 13.32
C SER B 191 -4.64 26.75 13.08
N SER B 192 -3.50 27.10 13.65
CA SER B 192 -2.95 28.44 13.50
C SER B 192 -2.41 28.69 12.09
N THR B 193 -2.30 27.64 11.28
CA THR B 193 -1.77 27.78 9.93
C THR B 193 -2.80 27.68 8.82
N TRP B 194 -4.05 27.45 9.20
CA TRP B 194 -5.12 27.36 8.21
C TRP B 194 -6.28 28.22 8.72
N PRO B 195 -6.92 29.00 7.82
CA PRO B 195 -6.61 29.11 6.39
C PRO B 195 -5.52 30.10 6.01
N SER B 196 -4.73 30.58 6.97
CA SER B 196 -3.69 31.55 6.65
C SER B 196 -2.65 30.99 5.69
N GLN B 197 -2.23 29.76 5.91
CA GLN B 197 -1.25 29.11 5.04
C GLN B 197 -2.03 28.17 4.11
N THR B 198 -1.84 28.33 2.80
CA THR B 198 -2.55 27.49 1.83
C THR B 198 -2.25 26.00 2.00
N VAL B 199 -3.27 25.18 1.75
CA VAL B 199 -3.15 23.72 1.83
C VAL B 199 -3.80 23.22 0.55
N THR B 200 -3.06 22.46 -0.24
CA THR B 200 -3.57 21.97 -1.51
C THR B 200 -3.29 20.49 -1.69
N CYS B 201 -4.27 19.74 -2.21
CA CYS B 201 -4.01 18.33 -2.43
C CYS B 201 -3.77 18.16 -3.92
N ASN B 202 -2.73 17.41 -4.26
CA ASN B 202 -2.38 17.17 -5.65
C ASN B 202 -2.75 15.72 -5.97
N VAL B 203 -3.59 15.51 -6.98
CA VAL B 203 -4.02 14.17 -7.34
C VAL B 203 -3.67 13.81 -8.78
N ALA B 204 -2.79 12.83 -8.96
CA ALA B 204 -2.40 12.41 -10.30
C ALA B 204 -2.95 11.03 -10.60
N HIS B 205 -3.40 10.85 -11.84
CA HIS B 205 -3.91 9.56 -12.28
C HIS B 205 -3.14 9.24 -13.54
N PRO B 206 -2.01 8.54 -13.40
CA PRO B 206 -1.13 8.13 -14.49
C PRO B 206 -1.84 7.53 -15.71
N ALA B 207 -2.73 6.58 -15.46
CA ALA B 207 -3.44 5.91 -16.57
C ALA B 207 -4.21 6.84 -17.52
N SER B 208 -4.69 7.98 -17.01
CA SER B 208 -5.44 8.91 -17.84
C SER B 208 -4.67 10.20 -18.14
N SER B 209 -3.42 10.27 -17.68
CA SER B 209 -2.57 11.45 -17.87
C SER B 209 -3.24 12.73 -17.36
N THR B 210 -3.90 12.63 -16.20
CA THR B 210 -4.55 13.78 -15.61
C THR B 210 -3.93 14.10 -14.26
N LYS B 211 -4.08 15.35 -13.83
CA LYS B 211 -3.54 15.78 -12.56
C LYS B 211 -4.38 16.98 -12.12
N VAL B 212 -4.83 16.93 -10.88
CA VAL B 212 -5.66 17.99 -10.34
C VAL B 212 -5.04 18.52 -9.07
N ASP B 213 -5.06 19.85 -8.93
CA ASP B 213 -4.55 20.51 -7.75
C ASP B 213 -5.77 21.22 -7.18
N LYS B 214 -6.20 20.80 -6.00
CA LYS B 214 -7.36 21.38 -5.36
C LYS B 214 -7.01 22.05 -4.04
N LYS B 215 -7.10 23.38 -4.02
CA LYS B 215 -6.83 24.15 -2.81
C LYS B 215 -8.05 24.05 -1.90
N ILE B 216 -7.80 23.83 -0.61
CA ILE B 216 -8.87 23.72 0.37
C ILE B 216 -9.17 25.11 0.93
N VAL B 217 -10.37 25.63 0.66
CA VAL B 217 -10.73 26.96 1.16
C VAL B 217 -11.88 26.89 2.16
N PRO B 218 -11.93 27.84 3.10
CA PRO B 218 -13.01 27.85 4.10
C PRO B 218 -14.36 28.00 3.42
N ARG B 219 -15.39 27.39 4.01
CA ARG B 219 -16.72 27.50 3.44
C ARG B 219 -17.58 28.43 4.29
#